data_8D25
#
_entry.id   8D25
#
_cell.length_a   174.927
_cell.length_b   174.927
_cell.length_c   123.530
_cell.angle_alpha   90.000
_cell.angle_beta   90.000
_cell.angle_gamma   120.000
#
_symmetry.space_group_name_H-M   'H 3 2'
#
loop_
_entity.id
_entity.type
_entity.pdbx_description
1 polymer 'N-acetyltransferase Eis'
2 non-polymer 1-{2-[(3-chlorophenyl)methoxy]phenyl}-N-[(pyridin-4-yl)methyl]methanamine
3 non-polymer GLYCEROL
4 water water
#
_entity_poly.entity_id   1
_entity_poly.type   'polypeptide(L)'
_entity_poly.pdbx_seq_one_letter_code
;MGSSHHHHHHSSGLVPRGSHMTVTLCSPTEDDWPGMFLLAAASFTDFIGPESATAWRTLVPTDGAVVVRDGAGPGSEVVG
MALYMDLRLTVPGEVVLPTAGLSFVAVAPTHRRRGLLRAMCAELHRRIADSGYPVAALHASEGGIYGRFGYGPATTLHEL
TVDRRFARFHADAPGGGLGGSSVRLVRPTEHRGEFEAIYERWRQQVPGGLLRPQVLWDELLAEAKAAPGGDRESFALLHP
DGYALYRVDRTDLKLARVSELRAVTADAHCALWRALIGLDSMERISIITHPQDPLPHLLTDTRLARTTWRQDGLWLRIMN
VPAALEARGYAHEVGEFSTVLEVSDGGRFALKIGDGRARCTPTDAAAEIEMDRDVLGSLYLGAHRASTLAAANRLRTKDS
QLLRRLDAAFASDVPVQTAFEF
;
_entity_poly.pdbx_strand_id   A
#
loop_
_chem_comp.id
_chem_comp.type
_chem_comp.name
_chem_comp.formula
GOL non-polymer GLYCEROL 'C3 H8 O3'
PV3 non-polymer 1-{2-[(3-chlorophenyl)methoxy]phenyl}-N-[(pyridin-4-yl)methyl]methanamine 'C20 H19 Cl N2 O'
#
# COMPACT_ATOMS: atom_id res chain seq x y z
N VAL A 23 33.92 0.54 -7.96
CA VAL A 23 32.42 0.49 -7.77
C VAL A 23 31.85 -0.73 -8.51
N THR A 24 31.77 -1.88 -7.83
CA THR A 24 31.14 -3.12 -8.35
C THR A 24 29.68 -3.17 -7.85
N LEU A 25 28.79 -3.81 -8.61
CA LEU A 25 27.41 -4.13 -8.18
C LEU A 25 27.22 -5.65 -8.10
N CYS A 26 26.95 -6.21 -6.91
CA CYS A 26 26.99 -7.68 -6.62
C CYS A 26 25.80 -8.05 -5.74
N SER A 27 25.34 -9.30 -5.78
CA SER A 27 24.52 -9.90 -4.70
C SER A 27 25.37 -9.90 -3.44
N PRO A 28 24.87 -9.48 -2.27
CA PRO A 28 25.72 -9.50 -1.07
C PRO A 28 25.97 -10.93 -0.54
N THR A 29 27.14 -11.14 0.07
CA THR A 29 27.52 -12.34 0.87
C THR A 29 27.21 -12.06 2.32
N GLU A 30 27.28 -13.06 3.18
CA GLU A 30 26.94 -12.88 4.63
C GLU A 30 27.83 -11.74 5.20
N ASP A 31 29.06 -11.59 4.68
CA ASP A 31 30.09 -10.63 5.12
C ASP A 31 29.67 -9.18 4.81
N ASP A 32 28.73 -8.98 3.89
CA ASP A 32 28.28 -7.65 3.45
C ASP A 32 27.22 -7.10 4.40
N TRP A 33 26.57 -7.95 5.20
CA TRP A 33 25.35 -7.54 5.93
C TRP A 33 25.68 -6.54 7.05
N PRO A 34 26.77 -6.66 7.83
CA PRO A 34 27.12 -5.59 8.79
C PRO A 34 27.29 -4.20 8.11
N GLY A 35 27.98 -4.10 6.97
CA GLY A 35 28.04 -2.87 6.15
C GLY A 35 26.64 -2.40 5.75
N MET A 36 25.72 -3.33 5.47
CA MET A 36 24.35 -2.97 5.03
C MET A 36 23.55 -2.44 6.22
N PHE A 37 23.68 -3.06 7.39
CA PHE A 37 23.03 -2.58 8.65
C PHE A 37 23.59 -1.21 9.08
N LEU A 38 24.87 -0.93 8.89
CA LEU A 38 25.43 0.42 9.15
C LEU A 38 24.78 1.45 8.18
N LEU A 39 24.80 1.18 6.88
CA LEU A 39 24.19 2.11 5.90
C LEU A 39 22.69 2.30 6.21
N ALA A 40 22.03 1.23 6.68
CA ALA A 40 20.60 1.25 7.05
C ALA A 40 20.38 2.19 8.24
N ALA A 41 21.12 1.95 9.31
CA ALA A 41 21.03 2.78 10.54
C ALA A 41 21.21 4.26 10.17
N ALA A 42 22.10 4.60 9.24
CA ALA A 42 22.47 5.99 8.90
C ALA A 42 21.44 6.55 7.94
N SER A 43 20.65 5.68 7.29
CA SER A 43 19.73 6.09 6.21
C SER A 43 18.28 6.18 6.72
N PHE A 44 17.91 5.38 7.73
CA PHE A 44 16.49 5.27 8.16
C PHE A 44 16.40 5.40 9.68
N THR A 45 15.71 6.42 10.17
CA THR A 45 15.63 6.71 11.63
C THR A 45 14.94 5.56 12.37
N ASP A 46 14.04 4.82 11.72
CA ASP A 46 13.36 3.63 12.33
C ASP A 46 14.30 2.44 12.51
N PHE A 47 15.41 2.38 11.81
CA PHE A 47 16.29 1.18 11.84
C PHE A 47 17.16 1.26 13.11
N ILE A 48 16.77 0.54 14.17
CA ILE A 48 17.43 0.48 15.52
C ILE A 48 18.77 -0.27 15.41
N GLY A 49 18.82 -1.33 14.62
CA GLY A 49 19.93 -2.31 14.57
C GLY A 49 19.51 -3.62 13.93
N PRO A 50 20.44 -4.61 13.82
CA PRO A 50 20.23 -5.84 13.05
C PRO A 50 18.88 -6.56 13.26
N GLU A 51 18.41 -6.59 14.49
CA GLU A 51 17.08 -7.16 14.86
C GLU A 51 15.98 -6.47 14.03
N SER A 52 16.19 -5.20 13.61
CA SER A 52 15.24 -4.39 12.78
C SER A 52 14.99 -5.04 11.40
N ALA A 53 15.89 -5.92 10.96
CA ALA A 53 15.98 -6.48 9.59
C ALA A 53 15.64 -7.97 9.59
N THR A 54 15.79 -8.68 10.72
CA THR A 54 15.67 -10.17 10.88
C THR A 54 14.40 -10.72 10.22
N ALA A 55 13.27 -10.17 10.61
CA ALA A 55 11.95 -10.69 10.21
C ALA A 55 11.75 -10.43 8.72
N TRP A 56 12.05 -9.22 8.28
CA TRP A 56 11.79 -8.80 6.87
C TRP A 56 12.67 -9.66 5.97
N ARG A 57 13.85 -9.95 6.47
CA ARG A 57 14.91 -10.61 5.69
C ARG A 57 14.49 -12.03 5.28
N THR A 58 13.69 -12.73 6.08
CA THR A 58 13.07 -14.05 5.71
C THR A 58 12.19 -13.88 4.46
N LEU A 59 11.76 -12.66 4.07
CA LEU A 59 10.90 -12.45 2.85
C LEU A 59 11.75 -12.14 1.62
N VAL A 60 13.05 -11.99 1.78
CA VAL A 60 13.92 -11.67 0.64
C VAL A 60 14.34 -12.99 0.00
N PRO A 61 14.05 -13.25 -1.28
CA PRO A 61 14.54 -14.50 -1.88
C PRO A 61 16.05 -14.45 -2.13
N THR A 62 16.66 -15.62 -2.28
CA THR A 62 18.02 -15.76 -2.86
C THR A 62 18.14 -14.80 -4.06
N ASP A 63 19.19 -14.05 -4.19
CA ASP A 63 19.27 -13.19 -5.41
C ASP A 63 18.24 -12.03 -5.38
N GLY A 64 17.56 -11.78 -4.24
CA GLY A 64 16.68 -10.62 -4.06
C GLY A 64 17.39 -9.31 -3.75
N ALA A 65 18.68 -9.31 -3.45
CA ALA A 65 19.43 -8.14 -2.95
C ALA A 65 20.63 -7.85 -3.84
N VAL A 66 20.91 -6.56 -4.03
CA VAL A 66 22.16 -6.01 -4.62
C VAL A 66 22.79 -5.01 -3.64
N VAL A 67 24.13 -4.94 -3.70
CA VAL A 67 24.99 -3.98 -2.97
C VAL A 67 25.95 -3.41 -3.97
N VAL A 68 26.34 -2.18 -3.71
CA VAL A 68 27.46 -1.52 -4.43
C VAL A 68 28.58 -1.37 -3.41
N ARG A 69 29.82 -1.75 -3.77
CA ARG A 69 31.02 -1.62 -2.92
C ARG A 69 31.96 -0.57 -3.55
N ASP A 70 32.67 0.19 -2.71
CA ASP A 70 33.74 1.12 -3.15
C ASP A 70 35.02 0.28 -3.24
N GLY A 71 35.50 0.01 -4.46
CA GLY A 71 36.64 -0.89 -4.74
C GLY A 71 36.39 -1.77 -5.95
N SER A 76 36.46 -3.67 0.80
CA SER A 76 35.62 -2.62 0.19
C SER A 76 34.39 -2.37 1.07
N GLU A 77 33.92 -1.13 1.17
CA GLU A 77 32.72 -0.84 2.01
C GLU A 77 31.45 -0.66 1.16
N VAL A 78 30.30 -0.93 1.79
CA VAL A 78 28.94 -0.84 1.19
C VAL A 78 28.53 0.63 1.14
N VAL A 79 28.33 1.13 -0.08
CA VAL A 79 27.95 2.52 -0.40
C VAL A 79 26.55 2.57 -1.02
N GLY A 80 25.99 1.42 -1.37
CA GLY A 80 24.64 1.33 -1.93
C GLY A 80 24.04 -0.03 -1.74
N MET A 81 22.74 -0.06 -1.50
CA MET A 81 22.01 -1.33 -1.37
C MET A 81 20.56 -1.15 -1.80
N ALA A 82 19.94 -2.28 -2.16
CA ALA A 82 18.53 -2.39 -2.56
C ALA A 82 18.14 -3.86 -2.62
N LEU A 83 16.90 -4.16 -2.29
CA LEU A 83 16.42 -5.55 -2.37
C LEU A 83 14.93 -5.55 -2.66
N TYR A 84 14.42 -6.75 -2.90
CA TYR A 84 12.95 -6.93 -3.02
C TYR A 84 12.57 -8.13 -2.17
N MET A 85 11.36 -8.03 -1.67
CA MET A 85 10.70 -9.10 -0.92
C MET A 85 9.62 -9.75 -1.78
N ASP A 86 9.39 -11.03 -1.54
CA ASP A 86 8.27 -11.79 -2.15
C ASP A 86 6.94 -11.44 -1.44
N LEU A 87 6.06 -10.70 -2.10
CA LEU A 87 4.77 -10.30 -1.52
C LEU A 87 3.61 -10.88 -2.35
N ARG A 88 2.41 -10.81 -1.82
CA ARG A 88 1.14 -11.14 -2.52
C ARG A 88 0.21 -9.96 -2.38
N LEU A 89 -0.12 -9.36 -3.50
CA LEU A 89 -0.90 -8.11 -3.57
C LEU A 89 -2.26 -8.42 -4.18
N THR A 90 -3.32 -7.95 -3.53
CA THR A 90 -4.69 -8.13 -4.01
C THR A 90 -4.98 -6.95 -4.97
N VAL A 91 -5.53 -7.27 -6.15
CA VAL A 91 -5.91 -6.25 -7.17
C VAL A 91 -7.41 -6.41 -7.42
N PRO A 92 -8.05 -5.43 -8.09
CA PRO A 92 -9.50 -5.46 -8.31
C PRO A 92 -9.93 -6.81 -8.96
N GLY A 93 -11.07 -7.34 -8.51
CA GLY A 93 -11.57 -8.68 -8.86
C GLY A 93 -11.11 -9.69 -7.84
N GLU A 94 -10.53 -9.26 -6.71
CA GLU A 94 -10.00 -10.18 -5.65
C GLU A 94 -8.93 -11.11 -6.24
N VAL A 95 -8.14 -10.62 -7.18
CA VAL A 95 -7.05 -11.41 -7.79
C VAL A 95 -5.80 -11.10 -7.01
N VAL A 96 -5.02 -12.12 -6.64
CA VAL A 96 -3.78 -11.96 -5.85
C VAL A 96 -2.58 -12.15 -6.79
N LEU A 97 -1.74 -11.13 -6.94
CA LEU A 97 -0.53 -11.24 -7.78
C LEU A 97 0.72 -11.44 -6.92
N PRO A 98 1.64 -12.31 -7.38
CA PRO A 98 3.00 -12.28 -6.87
C PRO A 98 3.56 -10.88 -7.18
N THR A 99 4.13 -10.25 -6.17
CA THR A 99 4.61 -8.85 -6.20
C THR A 99 6.00 -8.78 -5.60
N ALA A 100 6.95 -8.18 -6.33
CA ALA A 100 8.29 -7.86 -5.83
C ALA A 100 8.20 -6.54 -5.07
N GLY A 101 8.35 -6.59 -3.75
CA GLY A 101 8.33 -5.36 -2.90
C GLY A 101 9.72 -4.78 -2.72
N LEU A 102 10.07 -3.74 -3.46
CA LEU A 102 11.40 -3.06 -3.33
C LEU A 102 11.42 -2.43 -1.92
N SER A 103 12.56 -2.51 -1.24
CA SER A 103 12.73 -1.99 0.13
C SER A 103 14.23 -1.88 0.44
N PHE A 104 14.57 -1.32 1.60
CA PHE A 104 15.95 -1.22 2.09
C PHE A 104 16.82 -0.56 1.01
N VAL A 105 16.30 0.44 0.33
CA VAL A 105 17.00 1.12 -0.77
C VAL A 105 17.77 2.31 -0.16
N ALA A 106 19.10 2.37 -0.29
CA ALA A 106 19.92 3.42 0.34
C ALA A 106 21.17 3.61 -0.48
N VAL A 107 21.55 4.86 -0.67
CA VAL A 107 22.88 5.28 -1.18
C VAL A 107 23.58 6.07 -0.09
N ALA A 108 24.85 5.75 0.16
CA ALA A 108 25.64 6.45 1.19
C ALA A 108 25.70 7.95 0.86
N PRO A 109 25.71 8.82 1.88
CA PRO A 109 25.73 10.27 1.67
C PRO A 109 27.04 10.71 1.02
N THR A 110 28.06 9.87 1.08
CA THR A 110 29.38 10.05 0.42
C THR A 110 29.33 9.78 -1.07
N HIS A 111 28.26 9.18 -1.57
CA HIS A 111 28.26 8.58 -2.94
C HIS A 111 27.03 9.06 -3.70
N ARG A 112 26.51 10.24 -3.38
CA ARG A 112 25.38 10.84 -4.13
C ARG A 112 25.82 11.15 -5.56
N ARG A 113 24.83 11.23 -6.46
CA ARG A 113 24.97 11.75 -7.84
C ARG A 113 25.99 10.92 -8.63
N ARG A 114 26.07 9.63 -8.39
CA ARG A 114 27.03 8.74 -9.11
C ARG A 114 26.26 7.67 -9.87
N GLY A 115 24.94 7.80 -10.03
CA GLY A 115 24.08 6.86 -10.77
C GLY A 115 23.89 5.54 -10.03
N LEU A 116 24.11 5.48 -8.71
CA LEU A 116 24.04 4.19 -7.96
C LEU A 116 22.59 3.69 -7.85
N LEU A 117 21.62 4.55 -7.54
CA LEU A 117 20.20 4.16 -7.46
C LEU A 117 19.74 3.63 -8.84
N ARG A 118 20.11 4.29 -9.94
CA ARG A 118 19.69 3.90 -11.31
C ARG A 118 20.25 2.49 -11.60
N ALA A 119 21.53 2.27 -11.39
CA ALA A 119 22.19 0.97 -11.63
C ALA A 119 21.52 -0.08 -10.73
N MET A 120 21.27 0.22 -9.45
CA MET A 120 20.67 -0.81 -8.55
C MET A 120 19.25 -1.16 -9.01
N CYS A 121 18.42 -0.17 -9.37
CA CYS A 121 17.02 -0.39 -9.83
C CYS A 121 17.05 -1.15 -11.18
N ALA A 122 17.98 -0.86 -12.11
CA ALA A 122 18.05 -1.57 -13.40
C ALA A 122 18.36 -3.06 -13.16
N GLU A 123 19.28 -3.38 -12.28
CA GLU A 123 19.65 -4.78 -11.97
C GLU A 123 18.48 -5.48 -11.29
N LEU A 124 17.83 -4.85 -10.31
CA LEU A 124 16.74 -5.57 -9.60
C LEU A 124 15.58 -5.79 -10.54
N HIS A 125 15.26 -4.79 -11.36
CA HIS A 125 14.13 -4.88 -12.32
C HIS A 125 14.40 -6.01 -13.34
N ARG A 126 15.64 -6.20 -13.79
CA ARG A 126 16.06 -7.29 -14.70
C ARG A 126 15.77 -8.63 -14.00
N ARG A 127 16.22 -8.77 -12.74
CA ARG A 127 15.99 -9.99 -11.94
C ARG A 127 14.50 -10.18 -11.70
N ILE A 128 13.76 -9.13 -11.42
CA ILE A 128 12.33 -9.28 -11.05
C ILE A 128 11.57 -9.75 -12.30
N ALA A 129 11.83 -9.13 -13.44
CA ALA A 129 11.20 -9.48 -14.73
C ALA A 129 11.57 -10.92 -15.12
N ASP A 130 12.85 -11.29 -15.11
CA ASP A 130 13.34 -12.68 -15.43
C ASP A 130 12.68 -13.66 -14.50
N SER A 131 12.42 -13.31 -13.24
CA SER A 131 11.84 -14.27 -12.27
C SER A 131 10.34 -14.47 -12.54
N GLY A 132 9.68 -13.63 -13.35
CA GLY A 132 8.25 -13.81 -13.67
C GLY A 132 7.27 -12.98 -12.84
N TYR A 133 7.72 -12.00 -12.06
CA TYR A 133 6.78 -11.13 -11.32
C TYR A 133 6.07 -10.24 -12.32
N PRO A 134 4.73 -10.13 -12.30
CA PRO A 134 4.07 -9.17 -13.17
C PRO A 134 4.11 -7.71 -12.70
N VAL A 135 4.31 -7.50 -11.39
CA VAL A 135 4.34 -6.13 -10.80
C VAL A 135 5.43 -6.07 -9.71
N ALA A 136 6.03 -4.89 -9.58
CA ALA A 136 6.86 -4.50 -8.42
C ALA A 136 6.10 -3.41 -7.67
N ALA A 137 6.43 -3.26 -6.40
CA ALA A 137 5.79 -2.23 -5.54
C ALA A 137 6.79 -1.70 -4.52
N LEU A 138 6.53 -0.47 -4.07
CA LEU A 138 7.33 0.15 -2.99
C LEU A 138 6.52 1.27 -2.29
N HIS A 139 7.05 1.68 -1.14
CA HIS A 139 6.68 2.91 -0.38
C HIS A 139 7.84 3.91 -0.56
N ALA A 140 7.55 5.11 -1.04
CA ALA A 140 8.58 6.10 -1.41
C ALA A 140 8.89 7.00 -0.22
N SER A 141 10.17 7.19 0.09
CA SER A 141 10.68 8.20 1.05
C SER A 141 10.40 9.60 0.50
N GLU A 142 10.49 9.83 -0.80
CA GLU A 142 10.17 11.15 -1.43
C GLU A 142 9.31 10.90 -2.66
N GLY A 143 8.55 11.92 -3.11
CA GLY A 143 7.62 11.79 -4.24
C GLY A 143 8.29 11.97 -5.60
N GLY A 144 9.54 12.49 -5.65
CA GLY A 144 10.18 12.87 -6.93
C GLY A 144 11.14 11.82 -7.49
N ILE A 145 11.28 10.66 -6.86
CA ILE A 145 12.40 9.73 -7.22
C ILE A 145 11.90 8.64 -8.17
N TYR A 146 10.79 7.95 -7.89
CA TYR A 146 10.53 6.60 -8.48
C TYR A 146 9.71 6.68 -9.78
N GLY A 147 9.09 7.80 -10.11
CA GLY A 147 8.41 7.97 -11.41
C GLY A 147 9.30 7.65 -12.60
N ARG A 148 10.54 8.11 -12.56
CA ARG A 148 11.43 7.94 -13.72
C ARG A 148 11.85 6.47 -13.86
N PHE A 149 11.64 5.60 -12.86
CA PHE A 149 11.95 4.15 -12.94
C PHE A 149 10.68 3.35 -13.22
N GLY A 150 9.58 4.04 -13.53
CA GLY A 150 8.28 3.45 -13.94
C GLY A 150 7.29 3.16 -12.82
N TYR A 151 7.53 3.63 -11.59
CA TYR A 151 6.61 3.46 -10.45
C TYR A 151 5.60 4.61 -10.44
N GLY A 152 4.32 4.27 -10.38
CA GLY A 152 3.27 5.31 -10.21
C GLY A 152 2.60 5.16 -8.85
N PRO A 153 2.27 6.27 -8.15
CA PRO A 153 1.55 6.16 -6.88
C PRO A 153 0.19 5.52 -7.15
N ALA A 154 -0.15 4.45 -6.43
CA ALA A 154 -1.33 3.60 -6.76
C ALA A 154 -2.36 3.55 -5.63
N THR A 155 -1.99 3.92 -4.39
CA THR A 155 -2.96 4.06 -3.25
C THR A 155 -2.76 5.43 -2.63
N THR A 156 -3.76 5.89 -1.88
CA THR A 156 -3.74 7.24 -1.26
C THR A 156 -4.01 7.10 0.24
N LEU A 157 -3.03 7.54 1.03
CA LEU A 157 -3.17 7.61 2.51
C LEU A 157 -3.92 8.91 2.81
N HIS A 158 -4.93 8.79 3.65
CA HIS A 158 -5.82 9.89 4.06
C HIS A 158 -5.93 9.85 5.59
N GLU A 159 -5.30 10.77 6.28
CA GLU A 159 -5.45 10.88 7.76
C GLU A 159 -6.72 11.65 8.09
N LEU A 160 -7.56 10.99 8.88
CA LEU A 160 -8.76 11.58 9.53
C LEU A 160 -8.44 11.77 11.01
N THR A 161 -8.71 12.97 11.48
CA THR A 161 -8.71 13.32 12.92
C THR A 161 -10.14 13.67 13.31
N VAL A 162 -10.67 12.92 14.26
CA VAL A 162 -12.03 13.17 14.80
C VAL A 162 -11.93 13.90 16.14
N ASP A 163 -12.57 15.06 16.30
CA ASP A 163 -12.79 15.67 17.66
C ASP A 163 -13.93 14.90 18.31
N ARG A 164 -13.60 13.83 19.02
CA ARG A 164 -14.60 12.86 19.49
C ARG A 164 -15.50 13.47 20.56
N ARG A 165 -15.15 14.61 21.17
CA ARG A 165 -16.05 15.26 22.17
C ARG A 165 -17.34 15.75 21.52
N PHE A 166 -17.40 15.99 20.22
CA PHE A 166 -18.63 16.47 19.55
C PHE A 166 -19.33 15.34 18.81
N ALA A 167 -18.65 14.21 18.62
CA ALA A 167 -19.07 13.16 17.68
C ALA A 167 -20.33 12.49 18.21
N ARG A 168 -21.39 12.50 17.42
CA ARG A 168 -22.63 11.74 17.65
C ARG A 168 -22.95 10.94 16.39
N PHE A 169 -23.34 9.69 16.56
CA PHE A 169 -23.70 8.78 15.46
C PHE A 169 -25.07 9.18 14.90
N HIS A 170 -25.14 9.19 13.57
CA HIS A 170 -26.38 9.39 12.80
C HIS A 170 -27.36 8.31 13.25
N ALA A 171 -28.65 8.66 13.27
CA ALA A 171 -29.76 7.74 13.53
C ALA A 171 -29.65 6.53 12.62
N ASP A 172 -29.17 6.68 11.37
CA ASP A 172 -29.08 5.55 10.41
C ASP A 172 -27.92 4.62 10.78
N ALA A 173 -26.98 5.04 11.63
CA ALA A 173 -25.70 4.28 11.73
C ALA A 173 -25.99 2.90 12.32
N PRO A 174 -25.43 1.79 11.78
CA PRO A 174 -25.58 0.49 12.43
C PRO A 174 -25.19 0.43 13.93
N GLY A 175 -25.75 -0.53 14.64
CA GLY A 175 -25.29 -0.96 16.00
C GLY A 175 -25.63 0.05 17.08
N GLY A 176 -26.75 0.76 16.94
CA GLY A 176 -27.23 1.77 17.90
C GLY A 176 -28.09 1.16 19.00
N GLY A 177 -28.65 -0.04 18.78
CA GLY A 177 -29.52 -0.79 19.71
C GLY A 177 -28.96 -0.92 21.12
N LEU A 178 -29.84 -1.01 22.13
CA LEU A 178 -29.51 -1.28 23.56
C LEU A 178 -29.09 -2.76 23.67
N GLY A 179 -28.46 -3.14 24.79
CA GLY A 179 -27.98 -4.52 25.01
C GLY A 179 -26.49 -4.63 24.69
N GLY A 180 -25.88 -5.80 24.94
CA GLY A 180 -24.42 -6.05 24.90
C GLY A 180 -23.72 -5.40 23.70
N SER A 181 -22.49 -4.92 23.89
CA SER A 181 -21.58 -4.53 22.79
C SER A 181 -21.02 -5.81 22.17
N SER A 182 -20.87 -5.81 20.85
CA SER A 182 -20.19 -6.85 20.06
C SER A 182 -18.65 -6.66 20.11
N VAL A 183 -18.17 -5.52 20.61
CA VAL A 183 -16.72 -5.15 20.64
C VAL A 183 -16.13 -5.38 22.03
N ARG A 184 -14.95 -5.93 22.11
CA ARG A 184 -14.24 -6.09 23.39
C ARG A 184 -12.92 -5.33 23.38
N LEU A 185 -12.57 -4.71 24.49
CA LEU A 185 -11.24 -4.13 24.71
C LEU A 185 -10.31 -5.25 25.18
N VAL A 186 -9.21 -5.51 24.46
CA VAL A 186 -8.34 -6.67 24.78
C VAL A 186 -6.88 -6.25 24.61
N ARG A 187 -6.02 -7.10 25.15
CA ARG A 187 -4.55 -7.00 25.03
C ARG A 187 -4.21 -7.65 23.70
N PRO A 188 -3.54 -6.94 22.78
CA PRO A 188 -3.22 -7.50 21.47
C PRO A 188 -2.54 -8.89 21.51
N THR A 189 -1.56 -9.10 22.39
CA THR A 189 -0.71 -10.32 22.39
C THR A 189 -1.56 -11.53 22.74
N GLU A 190 -2.70 -11.37 23.40
CA GLU A 190 -3.56 -12.52 23.84
C GLU A 190 -4.59 -12.89 22.77
N HIS A 191 -4.68 -12.22 21.62
CA HIS A 191 -5.71 -12.55 20.60
C HIS A 191 -5.09 -12.57 19.19
N ARG A 192 -3.83 -13.01 19.10
CA ARG A 192 -3.08 -13.05 17.83
C ARG A 192 -3.86 -13.82 16.76
N GLY A 193 -4.42 -14.98 17.12
CA GLY A 193 -5.15 -15.80 16.15
C GLY A 193 -6.34 -15.08 15.53
N GLU A 194 -7.12 -14.37 16.36
CA GLU A 194 -8.31 -13.63 15.86
C GLU A 194 -7.86 -12.51 14.90
N PHE A 195 -6.81 -11.78 15.25
CA PHE A 195 -6.31 -10.67 14.40
C PHE A 195 -5.86 -11.24 13.05
N GLU A 196 -5.06 -12.31 13.10
CA GLU A 196 -4.52 -12.99 11.89
C GLU A 196 -5.65 -13.40 10.96
N ALA A 197 -6.69 -14.05 11.50
CA ALA A 197 -7.83 -14.56 10.73
C ALA A 197 -8.61 -13.38 10.14
N ILE A 198 -8.86 -12.33 10.92
CA ILE A 198 -9.63 -11.17 10.40
C ILE A 198 -8.83 -10.51 9.28
N TYR A 199 -7.53 -10.30 9.47
CA TYR A 199 -6.65 -9.59 8.51
C TYR A 199 -6.61 -10.38 7.20
N GLU A 200 -6.50 -11.71 7.30
CA GLU A 200 -6.43 -12.64 6.14
C GLU A 200 -7.71 -12.49 5.32
N ARG A 201 -8.86 -12.38 6.00
CA ARG A 201 -10.15 -12.18 5.29
C ARG A 201 -10.13 -10.80 4.62
N TRP A 202 -9.63 -9.79 5.33
CA TRP A 202 -9.63 -8.39 4.80
C TRP A 202 -8.76 -8.32 3.54
N ARG A 203 -7.55 -8.86 3.58
CA ARG A 203 -6.49 -8.57 2.56
C ARG A 203 -6.87 -9.26 1.23
N GLN A 204 -7.60 -10.39 1.31
CA GLN A 204 -8.14 -11.11 0.12
C GLN A 204 -9.31 -10.38 -0.51
N GLN A 205 -10.04 -9.53 0.22
CA GLN A 205 -11.19 -8.87 -0.42
C GLN A 205 -10.91 -7.43 -0.83
N VAL A 206 -9.78 -6.82 -0.46
CA VAL A 206 -9.59 -5.36 -0.72
C VAL A 206 -8.38 -5.17 -1.64
N PRO A 207 -8.51 -4.45 -2.76
CA PRO A 207 -7.35 -4.10 -3.57
C PRO A 207 -6.39 -3.26 -2.70
N GLY A 208 -5.10 -3.56 -2.80
CA GLY A 208 -4.09 -3.00 -1.92
C GLY A 208 -3.71 -3.99 -0.84
N GLY A 209 -4.56 -4.98 -0.55
CA GLY A 209 -4.29 -5.96 0.50
C GLY A 209 -2.97 -6.68 0.26
N LEU A 210 -2.26 -6.98 1.34
CA LEU A 210 -0.98 -7.73 1.27
C LEU A 210 -1.06 -8.91 2.23
N LEU A 211 -0.58 -10.08 1.81
CA LEU A 211 -0.53 -11.24 2.74
C LEU A 211 0.46 -10.86 3.84
N ARG A 212 0.09 -11.01 5.12
CA ARG A 212 1.07 -10.67 6.19
C ARG A 212 1.62 -11.98 6.78
N PRO A 213 2.91 -12.29 6.56
CA PRO A 213 3.52 -13.52 7.08
C PRO A 213 3.68 -13.50 8.61
N GLN A 214 3.76 -14.69 9.21
CA GLN A 214 3.90 -14.85 10.67
C GLN A 214 4.98 -13.93 11.25
N VAL A 215 6.14 -13.82 10.58
CA VAL A 215 7.25 -13.00 11.15
C VAL A 215 6.81 -11.55 11.23
N LEU A 216 5.94 -11.05 10.34
CA LEU A 216 5.48 -9.64 10.44
C LEU A 216 4.42 -9.49 11.56
N TRP A 217 3.57 -10.50 11.80
CA TRP A 217 2.74 -10.53 13.04
C TRP A 217 3.61 -10.55 14.32
N ASP A 218 4.71 -11.34 14.35
CA ASP A 218 5.69 -11.31 15.47
C ASP A 218 6.15 -9.85 15.68
N GLU A 219 6.57 -9.15 14.63
CA GLU A 219 7.07 -7.77 14.75
C GLU A 219 5.94 -6.90 15.30
N LEU A 220 4.76 -6.95 14.67
CA LEU A 220 3.63 -6.06 15.04
C LEU A 220 3.34 -6.24 16.54
N LEU A 221 3.28 -7.47 17.04
CA LEU A 221 2.89 -7.71 18.45
C LEU A 221 4.01 -7.26 19.41
N ALA A 222 5.27 -7.30 18.99
CA ALA A 222 6.42 -6.75 19.74
C ALA A 222 6.26 -5.23 19.89
N GLU A 223 5.86 -4.51 18.83
CA GLU A 223 5.73 -3.02 18.84
C GLU A 223 4.53 -2.57 19.69
N ALA A 224 3.67 -3.49 20.14
CA ALA A 224 2.43 -3.20 20.92
C ALA A 224 2.74 -2.97 22.40
N LYS A 225 3.86 -3.52 22.90
CA LYS A 225 4.34 -3.22 24.28
C LYS A 225 4.83 -1.76 24.34
N ALA A 226 4.61 -1.12 25.48
CA ALA A 226 5.29 0.11 25.92
C ALA A 226 6.82 -0.02 25.75
N ALA A 227 7.46 1.08 25.40
CA ALA A 227 8.93 1.19 25.24
C ALA A 227 9.45 2.17 26.29
N PRO A 228 10.49 1.81 27.09
CA PRO A 228 11.16 2.79 27.95
C PRO A 228 11.48 4.08 27.17
N GLY A 229 10.85 5.20 27.54
CA GLY A 229 10.95 6.50 26.83
C GLY A 229 10.59 6.45 25.35
N GLY A 230 9.71 5.51 24.99
CA GLY A 230 9.25 5.36 23.59
C GLY A 230 7.74 5.40 23.50
N ASP A 231 7.16 4.51 22.70
CA ASP A 231 5.69 4.46 22.48
C ASP A 231 4.96 3.93 23.72
N ARG A 232 3.70 4.32 23.86
CA ARG A 232 2.85 3.86 24.98
C ARG A 232 2.27 2.49 24.60
N GLU A 233 1.74 1.77 25.58
CA GLU A 233 1.17 0.42 25.34
C GLU A 233 -0.01 0.51 24.38
N SER A 234 -0.07 -0.42 23.41
CA SER A 234 -1.19 -0.54 22.44
C SER A 234 -2.33 -1.35 23.04
N PHE A 235 -3.57 -0.96 22.76
CA PHE A 235 -4.77 -1.77 23.11
C PHE A 235 -5.43 -2.18 21.81
N ALA A 236 -6.34 -3.15 21.90
CA ALA A 236 -7.13 -3.60 20.75
C ALA A 236 -8.58 -3.51 21.09
N LEU A 237 -9.40 -3.18 20.10
CA LEU A 237 -10.85 -3.36 20.07
C LEU A 237 -11.12 -4.48 19.08
N LEU A 238 -11.79 -5.53 19.55
CA LEU A 238 -12.01 -6.80 18.84
C LEU A 238 -13.51 -7.07 18.68
N HIS A 239 -13.90 -7.26 17.43
CA HIS A 239 -15.24 -7.65 16.95
C HIS A 239 -15.05 -8.96 16.18
N PRO A 240 -16.07 -9.84 16.07
CA PRO A 240 -15.94 -11.05 15.24
C PRO A 240 -15.42 -10.74 13.82
N ASP A 241 -15.79 -9.59 13.25
CA ASP A 241 -15.49 -9.23 11.82
C ASP A 241 -14.63 -7.95 11.68
N GLY A 242 -13.84 -7.59 12.70
CA GLY A 242 -12.92 -6.46 12.60
C GLY A 242 -12.13 -6.23 13.86
N TYR A 243 -11.03 -5.50 13.75
CA TYR A 243 -10.25 -5.05 14.93
C TYR A 243 -9.69 -3.67 14.64
N ALA A 244 -9.40 -2.96 15.72
CA ALA A 244 -8.62 -1.72 15.72
C ALA A 244 -7.50 -1.88 16.73
N LEU A 245 -6.29 -1.50 16.34
CA LEU A 245 -5.14 -1.36 17.25
C LEU A 245 -4.90 0.14 17.45
N TYR A 246 -4.82 0.59 18.70
CA TYR A 246 -4.60 2.03 18.93
C TYR A 246 -3.71 2.20 20.17
N ARG A 247 -3.08 3.36 20.26
CA ARG A 247 -2.23 3.72 21.41
C ARG A 247 -2.33 5.22 21.60
N VAL A 248 -2.20 5.66 22.84
CA VAL A 248 -2.22 7.13 23.08
C VAL A 248 -0.88 7.65 22.54
N ASP A 249 -0.84 8.90 22.05
CA ASP A 249 0.37 9.55 21.51
C ASP A 249 1.36 9.70 22.67
N ARG A 250 2.66 9.63 22.40
CA ARG A 250 3.71 9.66 23.46
C ARG A 250 3.68 11.02 24.19
N THR A 251 3.39 12.12 23.50
CA THR A 251 3.49 13.51 24.01
C THR A 251 2.11 14.15 24.13
N ASP A 252 1.26 14.07 23.10
CA ASP A 252 -0.12 14.60 23.17
C ASP A 252 -1.03 13.55 23.84
N LEU A 253 -1.25 13.69 25.14
CA LEU A 253 -1.97 12.69 25.96
C LEU A 253 -3.49 12.72 25.72
N LYS A 254 -4.04 13.66 24.97
CA LYS A 254 -5.47 13.71 24.57
C LYS A 254 -5.67 13.18 23.14
N LEU A 255 -4.61 12.67 22.49
CA LEU A 255 -4.70 12.08 21.11
C LEU A 255 -4.55 10.56 21.17
N ALA A 256 -5.52 9.80 20.67
CA ALA A 256 -5.30 8.35 20.41
C ALA A 256 -5.08 8.14 18.91
N ARG A 257 -4.01 7.44 18.59
CA ARG A 257 -3.63 7.14 17.19
C ARG A 257 -4.05 5.69 16.92
N VAL A 258 -4.93 5.48 15.95
CA VAL A 258 -5.26 4.11 15.49
C VAL A 258 -4.17 3.68 14.51
N SER A 259 -3.39 2.66 14.83
CA SER A 259 -2.27 2.23 13.95
C SER A 259 -2.83 1.37 12.81
N GLU A 260 -3.99 0.75 12.98
CA GLU A 260 -4.55 -0.22 12.02
C GLU A 260 -5.99 -0.51 12.42
N LEU A 261 -6.92 -0.40 11.50
CA LEU A 261 -8.30 -0.86 11.67
C LEU A 261 -8.66 -1.70 10.43
N ARG A 262 -8.97 -2.97 10.62
CA ARG A 262 -9.32 -3.91 9.54
C ARG A 262 -10.73 -4.38 9.84
N ALA A 263 -11.70 -3.97 9.01
CA ALA A 263 -13.09 -4.39 9.17
C ALA A 263 -13.53 -5.07 7.87
N VAL A 264 -14.13 -6.24 8.00
CA VAL A 264 -14.59 -7.07 6.86
C VAL A 264 -16.04 -6.74 6.54
N THR A 265 -16.82 -6.19 7.47
CA THR A 265 -18.23 -5.82 7.26
C THR A 265 -18.40 -4.35 7.65
N ALA A 266 -19.42 -3.67 7.12
CA ALA A 266 -19.82 -2.31 7.54
C ALA A 266 -20.21 -2.35 9.03
N ASP A 267 -20.88 -3.39 9.49
CA ASP A 267 -21.29 -3.46 10.92
C ASP A 267 -20.04 -3.44 11.80
N ALA A 268 -18.99 -4.15 11.43
CA ALA A 268 -17.75 -4.21 12.25
C ALA A 268 -17.11 -2.80 12.25
N HIS A 269 -17.02 -2.16 11.10
CA HIS A 269 -16.45 -0.79 10.97
C HIS A 269 -17.20 0.17 11.88
N CYS A 270 -18.53 0.17 11.84
CA CYS A 270 -19.31 1.12 12.68
C CYS A 270 -19.13 0.75 14.17
N ALA A 271 -19.20 -0.55 14.51
CA ALA A 271 -19.09 -0.98 15.94
C ALA A 271 -17.74 -0.55 16.51
N LEU A 272 -16.66 -0.70 15.74
CA LEU A 272 -15.30 -0.32 16.19
C LEU A 272 -15.23 1.19 16.39
N TRP A 273 -15.84 1.99 15.50
CA TRP A 273 -15.81 3.47 15.63
C TRP A 273 -16.66 3.93 16.83
N ARG A 274 -17.77 3.26 17.11
CA ARG A 274 -18.56 3.54 18.34
C ARG A 274 -17.66 3.36 19.55
N ALA A 275 -16.86 2.28 19.57
CA ALA A 275 -15.96 2.02 20.71
C ALA A 275 -14.83 3.07 20.73
N LEU A 276 -14.25 3.45 19.59
CA LEU A 276 -13.15 4.44 19.61
C LEU A 276 -13.70 5.79 20.10
N ILE A 277 -14.86 6.17 19.65
CA ILE A 277 -15.50 7.43 20.09
C ILE A 277 -15.92 7.33 21.58
N GLY A 278 -15.98 6.13 22.15
CA GLY A 278 -16.14 5.93 23.61
C GLY A 278 -14.84 6.09 24.39
N LEU A 279 -13.72 6.47 23.78
CA LEU A 279 -12.47 6.77 24.56
C LEU A 279 -12.60 8.16 25.18
N ASP A 280 -13.38 8.26 26.26
CA ASP A 280 -13.84 9.53 26.87
C ASP A 280 -12.66 10.35 27.41
N SER A 281 -11.53 9.75 27.77
CA SER A 281 -10.24 10.45 28.13
C SER A 281 -9.70 11.29 26.98
N MET A 282 -10.00 10.91 25.72
CA MET A 282 -9.30 11.54 24.56
C MET A 282 -10.12 12.72 24.07
N GLU A 283 -9.47 13.70 23.51
CA GLU A 283 -10.11 14.78 22.72
C GLU A 283 -10.21 14.35 21.26
N ARG A 284 -9.16 13.71 20.74
CA ARG A 284 -9.04 13.43 19.28
C ARG A 284 -8.63 11.98 19.07
N ILE A 285 -9.19 11.37 18.01
CA ILE A 285 -8.81 10.04 17.47
C ILE A 285 -8.31 10.28 16.06
N SER A 286 -7.10 9.84 15.74
CA SER A 286 -6.55 9.95 14.35
C SER A 286 -6.35 8.54 13.79
N ILE A 287 -6.52 8.43 12.48
CA ILE A 287 -6.24 7.17 11.73
C ILE A 287 -5.72 7.54 10.34
N ILE A 288 -4.81 6.71 9.82
CA ILE A 288 -4.39 6.82 8.39
C ILE A 288 -5.23 5.81 7.65
N THR A 289 -6.17 6.30 6.87
CA THR A 289 -7.18 5.46 6.18
C THR A 289 -7.12 5.77 4.68
N HIS A 290 -8.21 5.55 3.97
CA HIS A 290 -8.30 5.77 2.50
C HIS A 290 -9.39 6.80 2.23
N PRO A 291 -9.40 7.42 1.02
CA PRO A 291 -10.32 8.52 0.74
C PRO A 291 -11.80 8.13 0.86
N GLN A 292 -12.15 6.85 0.74
CA GLN A 292 -13.56 6.42 0.72
C GLN A 292 -13.98 5.86 2.09
N ASP A 293 -13.20 6.09 3.14
CA ASP A 293 -13.59 5.63 4.49
C ASP A 293 -14.98 6.20 4.78
N PRO A 294 -15.98 5.35 5.07
CA PRO A 294 -17.33 5.85 5.36
C PRO A 294 -17.52 6.56 6.71
N LEU A 295 -16.51 6.56 7.58
CA LEU A 295 -16.58 7.19 8.92
C LEU A 295 -17.35 8.50 8.88
N PRO A 296 -17.01 9.51 8.05
CA PRO A 296 -17.65 10.81 8.19
C PRO A 296 -19.17 10.68 8.13
N HIS A 297 -19.68 9.72 7.34
CA HIS A 297 -21.12 9.52 7.05
C HIS A 297 -21.84 8.88 8.23
N LEU A 298 -21.08 8.28 9.14
CA LEU A 298 -21.63 7.68 10.37
C LEU A 298 -22.00 8.74 11.38
N LEU A 299 -21.60 9.99 11.21
CA LEU A 299 -21.76 11.05 12.24
C LEU A 299 -22.82 12.02 11.77
N THR A 300 -23.48 12.70 12.72
CA THR A 300 -24.48 13.74 12.38
C THR A 300 -23.74 14.97 11.82
N ASP A 301 -22.45 15.14 12.14
CA ASP A 301 -21.62 16.22 11.56
C ASP A 301 -20.42 15.61 10.82
N THR A 302 -20.50 15.50 9.48
CA THR A 302 -19.48 14.85 8.62
C THR A 302 -18.17 15.63 8.75
N ARG A 303 -18.26 16.90 9.14
CA ARG A 303 -17.07 17.77 9.17
C ARG A 303 -16.18 17.39 10.37
N LEU A 304 -16.72 16.73 11.39
CA LEU A 304 -15.91 16.31 12.57
C LEU A 304 -14.80 15.35 12.16
N ALA A 305 -14.96 14.61 11.06
CA ALA A 305 -13.89 13.73 10.52
C ALA A 305 -12.99 14.54 9.58
N ARG A 306 -12.04 15.31 10.13
CA ARG A 306 -11.20 16.30 9.40
C ARG A 306 -10.08 15.52 8.70
N THR A 307 -9.91 15.76 7.41
CA THR A 307 -8.71 15.33 6.66
C THR A 307 -7.57 16.23 7.06
N THR A 308 -6.61 15.68 7.80
CA THR A 308 -5.47 16.38 8.39
C THR A 308 -4.19 16.06 7.61
N TRP A 309 -4.17 15.13 6.65
CA TRP A 309 -2.93 14.76 5.93
C TRP A 309 -3.31 13.82 4.79
N ARG A 310 -2.68 13.98 3.64
CA ARG A 310 -2.89 13.11 2.48
C ARG A 310 -1.57 12.88 1.81
N GLN A 311 -1.29 11.64 1.39
CA GLN A 311 0.01 11.31 0.74
C GLN A 311 -0.15 10.05 -0.09
N ASP A 312 0.68 9.91 -1.12
CA ASP A 312 0.83 8.62 -1.84
C ASP A 312 1.13 7.51 -0.84
N GLY A 313 0.57 6.33 -1.04
CA GLY A 313 0.90 5.15 -0.23
C GLY A 313 1.76 4.19 -1.02
N LEU A 314 1.15 3.12 -1.51
CA LEU A 314 1.88 2.10 -2.30
C LEU A 314 2.09 2.64 -3.70
N TRP A 315 3.29 2.43 -4.26
CA TRP A 315 3.64 2.74 -5.66
C TRP A 315 3.74 1.42 -6.42
N LEU A 316 3.31 1.41 -7.69
CA LEU A 316 3.38 0.19 -8.51
C LEU A 316 4.20 0.42 -9.78
N ARG A 317 5.04 -0.57 -10.12
CA ARG A 317 5.64 -0.62 -11.47
C ARG A 317 5.10 -1.89 -12.13
N ILE A 318 4.34 -1.70 -13.20
CA ILE A 318 3.89 -2.85 -14.06
C ILE A 318 5.13 -3.36 -14.79
N MET A 319 5.53 -4.62 -14.54
CA MET A 319 6.74 -5.25 -15.11
C MET A 319 6.34 -5.88 -16.46
N ASN A 320 5.19 -6.53 -16.53
CA ASN A 320 4.67 -7.17 -17.75
C ASN A 320 3.25 -6.61 -18.03
N VAL A 321 3.14 -5.74 -19.02
CA VAL A 321 1.88 -5.00 -19.28
C VAL A 321 0.73 -5.94 -19.57
N PRO A 322 0.88 -6.89 -20.53
CA PRO A 322 -0.23 -7.79 -20.82
C PRO A 322 -0.60 -8.73 -19.66
N ALA A 323 0.37 -9.35 -19.00
CA ALA A 323 0.07 -10.21 -17.85
C ALA A 323 -0.69 -9.38 -16.79
N ALA A 324 -0.25 -8.15 -16.50
CA ALA A 324 -0.93 -7.35 -15.44
C ALA A 324 -2.35 -6.97 -15.92
N LEU A 325 -2.50 -6.50 -17.16
CA LEU A 325 -3.82 -6.00 -17.64
C LEU A 325 -4.83 -7.16 -17.75
N GLU A 326 -4.38 -8.34 -18.10
CA GLU A 326 -5.27 -9.52 -18.19
C GLU A 326 -5.61 -10.08 -16.80
N ALA A 327 -4.72 -9.90 -15.83
CA ALA A 327 -4.89 -10.48 -14.47
C ALA A 327 -6.04 -9.83 -13.68
N ARG A 328 -6.09 -8.51 -13.61
CA ARG A 328 -7.12 -7.80 -12.78
C ARG A 328 -8.51 -7.85 -13.42
N GLY A 329 -9.54 -7.69 -12.60
CA GLY A 329 -10.94 -7.63 -13.07
C GLY A 329 -11.30 -6.20 -13.42
N TYR A 330 -12.31 -6.02 -14.27
CA TYR A 330 -12.73 -4.67 -14.71
C TYR A 330 -14.20 -4.52 -14.36
N ALA A 331 -14.71 -3.28 -14.40
CA ALA A 331 -16.11 -3.01 -14.03
C ALA A 331 -17.03 -3.66 -15.08
N HIS A 332 -18.03 -4.43 -14.64
CA HIS A 332 -19.06 -5.04 -15.54
C HIS A 332 -19.99 -3.99 -16.14
N GLU A 333 -20.03 -2.76 -15.61
CA GLU A 333 -21.06 -1.77 -16.03
C GLU A 333 -20.69 -1.11 -17.36
N VAL A 334 -19.48 -1.27 -17.86
CA VAL A 334 -19.05 -0.69 -19.16
C VAL A 334 -19.17 -1.79 -20.23
N GLY A 335 -19.75 -1.46 -21.35
CA GLY A 335 -19.95 -2.42 -22.44
C GLY A 335 -18.62 -2.70 -23.09
N GLU A 336 -18.52 -3.84 -23.74
CA GLU A 336 -17.32 -4.27 -24.47
C GLU A 336 -16.77 -3.14 -25.33
N PHE A 337 -15.46 -2.92 -25.26
CA PHE A 337 -14.75 -1.99 -26.15
C PHE A 337 -13.34 -2.52 -26.41
N SER A 338 -12.76 -2.07 -27.53
CA SER A 338 -11.40 -2.41 -28.00
C SER A 338 -10.64 -1.13 -28.22
N THR A 339 -9.36 -1.10 -27.91
CA THR A 339 -8.53 0.05 -28.26
C THR A 339 -7.12 -0.48 -28.47
N VAL A 340 -6.19 0.43 -28.71
CA VAL A 340 -4.75 0.15 -28.88
C VAL A 340 -4.04 1.07 -27.88
N LEU A 341 -3.36 0.44 -26.91
CA LEU A 341 -2.60 1.11 -25.85
C LEU A 341 -1.11 0.95 -26.09
N GLU A 342 -0.38 2.07 -26.10
CA GLU A 342 1.10 2.07 -26.09
C GLU A 342 1.59 2.59 -24.74
N VAL A 343 2.40 1.79 -24.08
CA VAL A 343 3.20 2.17 -22.90
C VAL A 343 4.58 2.58 -23.43
N SER A 344 5.03 3.77 -23.08
CA SER A 344 6.25 4.44 -23.62
C SER A 344 7.45 3.49 -23.73
N ASP A 345 7.85 2.73 -22.74
CA ASP A 345 8.92 1.77 -23.23
C ASP A 345 8.52 0.33 -22.89
N GLY A 346 7.28 -0.02 -23.23
CA GLY A 346 6.67 -1.21 -22.60
C GLY A 346 5.76 -1.94 -23.55
N GLY A 347 5.78 -1.55 -24.84
CA GLY A 347 5.09 -2.25 -25.94
C GLY A 347 3.79 -1.56 -26.37
N ARG A 348 3.24 -2.01 -27.49
CA ARG A 348 1.90 -1.59 -27.94
C ARG A 348 0.98 -2.82 -28.00
N PHE A 349 -0.27 -2.65 -27.55
CA PHE A 349 -1.21 -3.77 -27.34
C PHE A 349 -2.60 -3.43 -27.83
N ALA A 350 -3.20 -4.41 -28.50
CA ALA A 350 -4.66 -4.45 -28.75
C ALA A 350 -5.30 -4.83 -27.41
N LEU A 351 -6.12 -3.94 -26.87
CA LEU A 351 -6.75 -4.13 -25.55
C LEU A 351 -8.25 -4.22 -25.72
N LYS A 352 -8.82 -5.36 -25.36
CA LYS A 352 -10.27 -5.57 -25.44
C LYS A 352 -10.75 -5.86 -24.03
N ILE A 353 -11.74 -5.09 -23.59
CA ILE A 353 -12.32 -5.18 -22.22
C ILE A 353 -13.83 -5.40 -22.34
N GLY A 354 -14.30 -6.52 -21.82
CA GLY A 354 -15.74 -6.84 -21.79
C GLY A 354 -16.04 -7.88 -20.75
N ASP A 355 -17.25 -7.87 -20.18
CA ASP A 355 -17.68 -8.87 -19.17
C ASP A 355 -16.66 -8.91 -18.04
N GLY A 356 -16.15 -7.74 -17.66
CA GLY A 356 -15.23 -7.59 -16.51
C GLY A 356 -13.86 -8.21 -16.72
N ARG A 357 -13.54 -8.65 -17.94
CA ARG A 357 -12.21 -9.26 -18.22
C ARG A 357 -11.55 -8.55 -19.39
N ALA A 358 -10.23 -8.63 -19.48
CA ALA A 358 -9.49 -7.93 -20.56
C ALA A 358 -8.52 -8.87 -21.27
N ARG A 359 -8.48 -8.77 -22.60
CA ARG A 359 -7.46 -9.45 -23.45
C ARG A 359 -6.52 -8.39 -24.03
N CYS A 360 -5.21 -8.63 -23.97
CA CYS A 360 -4.19 -7.60 -24.24
C CYS A 360 -3.09 -8.26 -25.05
N THR A 361 -3.08 -8.10 -26.38
CA THR A 361 -2.23 -8.86 -27.35
C THR A 361 -1.34 -7.91 -28.17
N PRO A 362 -0.16 -8.39 -28.63
CA PRO A 362 0.74 -7.54 -29.42
C PRO A 362 0.08 -6.99 -30.67
N THR A 363 0.36 -5.73 -31.00
CA THR A 363 -0.09 -5.13 -32.29
C THR A 363 0.90 -4.07 -32.78
N ASP A 364 0.94 -3.81 -34.06
CA ASP A 364 1.68 -2.66 -34.64
C ASP A 364 0.61 -1.69 -35.16
N ALA A 365 -0.68 -1.93 -34.93
CA ALA A 365 -1.75 -0.95 -35.32
C ALA A 365 -1.50 0.40 -34.61
N ALA A 366 -1.99 1.50 -35.17
CA ALA A 366 -1.79 2.87 -34.62
C ALA A 366 -2.32 2.92 -33.17
N ALA A 367 -1.57 3.52 -32.27
CA ALA A 367 -1.98 3.69 -30.86
C ALA A 367 -3.19 4.65 -30.79
N GLU A 368 -4.18 4.32 -29.99
CA GLU A 368 -5.29 5.25 -29.69
C GLU A 368 -5.02 5.95 -28.34
N ILE A 369 -4.22 5.33 -27.46
CA ILE A 369 -3.91 5.80 -26.08
C ILE A 369 -2.41 5.61 -25.94
N GLU A 370 -1.70 6.61 -25.40
CA GLU A 370 -0.29 6.49 -24.99
C GLU A 370 -0.12 6.98 -23.56
N MET A 371 0.84 6.43 -22.84
CA MET A 371 1.21 6.83 -21.46
C MET A 371 2.54 6.16 -21.06
N ASP A 372 3.34 6.80 -20.20
CA ASP A 372 4.53 6.18 -19.58
C ASP A 372 4.07 5.04 -18.67
N ARG A 373 4.98 4.11 -18.36
CA ARG A 373 4.71 2.93 -17.50
C ARG A 373 4.15 3.38 -16.13
N ASP A 374 4.69 4.43 -15.52
CA ASP A 374 4.30 4.89 -14.16
C ASP A 374 2.80 5.22 -14.13
N VAL A 375 2.26 5.73 -15.22
CA VAL A 375 0.87 6.19 -15.30
C VAL A 375 -0.01 4.96 -15.23
N LEU A 376 0.37 3.91 -15.94
CA LEU A 376 -0.41 2.67 -15.87
C LEU A 376 -0.42 2.13 -14.44
N GLY A 377 0.69 2.18 -13.72
CA GLY A 377 0.68 1.73 -12.32
C GLY A 377 -0.30 2.56 -11.49
N SER A 378 -0.36 3.87 -11.70
CA SER A 378 -1.32 4.77 -10.99
C SER A 378 -2.78 4.44 -11.32
N LEU A 379 -3.10 3.99 -12.55
CA LEU A 379 -4.46 3.58 -12.95
C LEU A 379 -4.83 2.21 -12.36
N TYR A 380 -3.84 1.35 -12.10
CA TYR A 380 -4.03 -0.12 -12.05
C TYR A 380 -4.98 -0.54 -10.93
N LEU A 381 -4.92 0.07 -9.75
CA LEU A 381 -5.78 -0.32 -8.61
C LEU A 381 -7.01 0.60 -8.52
N GLY A 382 -7.24 1.52 -9.46
CA GLY A 382 -8.39 2.45 -9.42
C GLY A 382 -8.23 3.67 -8.51
N ALA A 383 -7.08 3.98 -7.95
CA ALA A 383 -6.89 5.18 -7.11
C ALA A 383 -6.90 6.50 -7.91
N HIS A 384 -6.55 6.48 -9.19
CA HIS A 384 -6.46 7.68 -10.05
C HIS A 384 -7.27 7.44 -11.30
N ARG A 385 -8.06 8.44 -11.71
CA ARG A 385 -8.91 8.34 -12.93
C ARG A 385 -8.05 8.63 -14.17
N ALA A 386 -8.26 7.89 -15.24
CA ALA A 386 -7.64 8.17 -16.56
C ALA A 386 -7.93 9.63 -16.96
N SER A 387 -9.15 10.14 -16.75
CA SER A 387 -9.53 11.54 -17.14
C SER A 387 -8.64 12.55 -16.41
N THR A 388 -8.34 12.31 -15.15
CA THR A 388 -7.49 13.22 -14.34
C THR A 388 -6.06 13.23 -14.92
N LEU A 389 -5.49 12.06 -15.17
CA LEU A 389 -4.14 11.93 -15.78
C LEU A 389 -4.12 12.53 -17.18
N ALA A 390 -5.20 12.33 -17.97
CA ALA A 390 -5.31 12.93 -19.32
C ALA A 390 -5.26 14.46 -19.22
N ALA A 391 -5.91 15.05 -18.24
CA ALA A 391 -5.98 16.52 -18.12
C ALA A 391 -4.59 17.06 -17.79
N ALA A 392 -3.68 16.24 -17.23
CA ALA A 392 -2.29 16.67 -16.98
C ALA A 392 -1.41 16.28 -18.17
N ASN A 393 -2.01 15.68 -19.19
CA ASN A 393 -1.32 15.18 -20.41
C ASN A 393 -0.36 14.02 -20.08
N ARG A 394 -0.61 13.30 -18.97
CA ARG A 394 0.24 12.14 -18.58
C ARG A 394 -0.16 10.94 -19.45
N LEU A 395 -1.39 10.94 -19.93
CA LEU A 395 -1.90 9.89 -20.85
C LEU A 395 -2.61 10.62 -21.99
N ARG A 396 -2.26 10.26 -23.23
CA ARG A 396 -2.77 11.04 -24.39
C ARG A 396 -3.65 10.19 -25.30
N THR A 397 -4.80 10.74 -25.69
CA THR A 397 -5.77 10.14 -26.63
C THR A 397 -6.58 11.26 -27.28
N LYS A 398 -7.10 11.06 -28.49
CA LYS A 398 -7.89 12.10 -29.19
C LYS A 398 -9.37 11.71 -29.09
N ASP A 399 -9.66 10.67 -28.30
CA ASP A 399 -11.04 10.16 -28.14
C ASP A 399 -11.56 10.37 -26.70
N SER A 400 -12.49 11.29 -26.46
CA SER A 400 -13.06 11.56 -25.10
C SER A 400 -13.98 10.41 -24.68
N GLN A 401 -14.66 9.75 -25.63
CA GLN A 401 -15.45 8.54 -25.33
C GLN A 401 -14.54 7.43 -24.78
N LEU A 402 -13.41 7.20 -25.42
CA LEU A 402 -12.42 6.18 -24.99
C LEU A 402 -11.96 6.48 -23.56
N LEU A 403 -11.71 7.76 -23.23
CA LEU A 403 -11.33 8.16 -21.86
C LEU A 403 -12.43 7.78 -20.87
N ARG A 404 -13.68 8.13 -21.16
CA ARG A 404 -14.77 7.78 -20.22
C ARG A 404 -14.81 6.26 -20.04
N ARG A 405 -14.63 5.51 -21.11
CA ARG A 405 -14.69 4.03 -21.04
C ARG A 405 -13.55 3.50 -20.16
N LEU A 406 -12.33 4.03 -20.35
CA LEU A 406 -11.17 3.60 -19.50
C LEU A 406 -11.43 3.94 -18.05
N ASP A 407 -11.80 5.19 -17.77
CA ASP A 407 -12.17 5.59 -16.38
C ASP A 407 -13.11 4.55 -15.77
N ALA A 408 -14.21 4.21 -16.47
CA ALA A 408 -15.26 3.32 -15.91
C ALA A 408 -14.66 1.93 -15.71
N ALA A 409 -13.90 1.46 -16.69
CA ALA A 409 -13.45 0.05 -16.72
C ALA A 409 -12.41 -0.16 -15.62
N PHE A 410 -11.45 0.78 -15.44
CA PHE A 410 -10.36 0.64 -14.44
C PHE A 410 -10.86 0.95 -13.03
N ALA A 411 -12.05 1.50 -12.84
CA ALA A 411 -12.53 1.83 -11.48
C ALA A 411 -12.63 0.51 -10.73
N SER A 412 -12.40 0.58 -9.42
CA SER A 412 -12.57 -0.57 -8.51
C SER A 412 -13.89 -0.42 -7.75
N ASP A 413 -14.76 -1.38 -7.91
CA ASP A 413 -15.95 -1.61 -7.07
C ASP A 413 -15.57 -1.37 -5.59
N VAL A 414 -14.66 -2.17 -5.03
CA VAL A 414 -14.17 -2.10 -3.60
C VAL A 414 -13.06 -1.06 -3.58
N PRO A 415 -13.23 0.02 -2.79
CA PRO A 415 -12.20 1.06 -2.70
C PRO A 415 -10.81 0.50 -2.36
N VAL A 416 -9.78 0.95 -3.07
CA VAL A 416 -8.37 0.56 -2.83
C VAL A 416 -7.94 1.12 -1.46
N GLN A 417 -7.28 0.27 -0.69
CA GLN A 417 -6.71 0.61 0.63
C GLN A 417 -5.21 0.27 0.64
N THR A 418 -4.52 0.70 1.68
CA THR A 418 -3.07 0.44 1.86
C THR A 418 -2.95 -0.54 3.01
N ALA A 419 -2.23 -1.62 2.81
CA ALA A 419 -2.10 -2.71 3.79
C ALA A 419 -1.14 -2.26 4.92
N PHE A 420 0.16 -2.39 4.73
CA PHE A 420 1.17 -2.06 5.77
C PHE A 420 2.36 -1.61 4.95
N GLU A 421 3.12 -0.67 5.45
CA GLU A 421 4.29 -0.26 4.67
C GLU A 421 5.42 -1.26 4.82
N PHE A 422 6.32 -1.24 3.84
CA PHE A 422 7.48 -2.13 3.78
C PHE A 422 8.58 -1.37 3.07
C1 PV3 B . 15.23 -6.03 5.10
C2 PV3 B . 14.40 -6.13 3.99
C3 PV3 B . 13.31 -5.27 3.91
C4 PV3 B . 13.04 -4.37 4.92
C5 PV3 B . 13.89 -4.30 6.02
C6 PV3 B . 13.60 -3.36 7.15
C7 PV3 B . 13.39 -1.03 7.67
C8 PV3 B . 13.23 -1.34 9.03
C9 PV3 B . 12.98 -0.32 9.94
C10 PV3 B . 12.89 0.99 9.49
C11 PV3 B . 13.05 1.30 8.14
C12 PV3 B . 13.30 0.30 7.19
C13 PV3 B . 13.44 0.61 5.72
C14 PV3 B . 11.14 0.45 4.79
C15 PV3 B . 10.41 -0.21 5.96
C16 PV3 B . 10.48 -1.59 6.16
C17 PV3 B . 9.81 -2.14 7.24
C18 PV3 B . 8.97 -0.12 7.88
C19 PV3 B . 9.63 0.53 6.86
CL1 PV3 B . 16.64 -7.05 5.24
O1 PV3 B . 13.61 -2.00 6.71
N1 PV3 B . 12.27 1.30 5.17
N2 PV3 B . 9.06 -1.44 8.10
C20 PV3 B . 14.99 -5.14 6.10
C1 GOL C . 13.62 -3.78 -17.03
O1 GOL C . 14.00 -5.14 -16.86
C2 GOL C . 12.11 -3.64 -17.08
O2 GOL C . 11.75 -2.60 -17.99
C3 GOL C . 11.37 -4.92 -17.45
O3 GOL C . 10.02 -4.91 -16.98
#